data_2DC6
#
_entry.id   2DC6
#
_cell.length_a   72.140
_cell.length_b   72.140
_cell.length_c   139.670
_cell.angle_alpha   90.00
_cell.angle_beta   90.00
_cell.angle_gamma   90.00
#
_symmetry.space_group_name_H-M   'P 43 21 2'
#
loop_
_entity.id
_entity.type
_entity.pdbx_description
1 polymer 'cathepsin B'
2 non-polymer 'PHOSPHATE ION'
3 non-polymer 'BENZYL N-({(2S,3S)-3-[(PROPYLAMINO)CARBONYL]OXIRAN-2-YL}CARBONYL)-L-ISOLEUCYL-L-PROLINATE'
4 non-polymer GLYCEROL
5 water water
#
_entity_poly.entity_id   1
_entity_poly.type   'polypeptide(L)'
_entity_poly.pdbx_seq_one_letter_code
;LPESFDAREQWPNCPTIKEIRDQGSCGSCWAFGAVEAISDRICIHSNGRVNVEVSAEDMLTCCGGECGDGCNGGFPSGAW
NFWTKKGLVSGGLYNSHVGCRPYSIPPCEHHVNGSRPPCTGEGDTPKCSKTCEPGYSPSYKEDKHFGCSSYSVANNEKEI
MAEIYKNGPVEGAFSVYSDFLLYKSGVYQHVSGEIMGGHAIRILGWGVENGTPYWLVGNSWNTDWGDNGFFKILRGQDHC
GIESEIVAGMPCTHQY
;
_entity_poly.pdbx_strand_id   A
#
# COMPACT_ATOMS: atom_id res chain seq x y z
N LEU A 1 -21.47 9.39 -9.11
CA LEU A 1 -20.13 8.77 -9.34
C LEU A 1 -19.94 8.32 -10.78
N PRO A 2 -18.75 8.57 -11.35
CA PRO A 2 -18.45 8.19 -12.73
C PRO A 2 -18.28 6.68 -12.88
N GLU A 3 -18.43 6.18 -14.09
CA GLU A 3 -18.27 4.74 -14.35
C GLU A 3 -16.82 4.32 -14.12
N SER A 4 -15.89 5.24 -14.34
CA SER A 4 -14.48 4.94 -14.15
C SER A 4 -13.83 6.04 -13.34
N PHE A 5 -12.64 5.74 -12.81
CA PHE A 5 -11.89 6.69 -12.01
C PHE A 5 -10.48 6.18 -11.76
N ASP A 6 -9.49 6.99 -12.12
CA ASP A 6 -8.10 6.62 -11.93
C ASP A 6 -7.44 7.73 -11.13
N ALA A 7 -7.16 7.48 -9.86
CA ALA A 7 -6.54 8.47 -9.00
C ALA A 7 -5.27 9.03 -9.65
N ARG A 8 -4.60 8.20 -10.44
CA ARG A 8 -3.38 8.65 -11.11
C ARG A 8 -3.63 9.81 -12.07
N GLU A 9 -4.75 9.78 -12.79
CA GLU A 9 -5.09 10.83 -13.75
C GLU A 9 -5.82 12.00 -13.09
N GLN A 10 -6.54 11.73 -12.01
CA GLN A 10 -7.29 12.77 -11.31
C GLN A 10 -6.42 13.72 -10.51
N TRP A 11 -5.30 13.23 -10.02
CA TRP A 11 -4.36 14.04 -9.24
C TRP A 11 -2.96 13.94 -9.86
N PRO A 12 -2.75 14.62 -11.00
CA PRO A 12 -1.49 14.64 -11.75
C PRO A 12 -0.28 15.16 -10.96
N ASN A 13 -0.54 15.93 -9.91
CA ASN A 13 0.55 16.49 -9.13
C ASN A 13 0.99 15.61 -7.96
N CYS A 14 0.57 14.36 -7.98
CA CYS A 14 0.93 13.44 -6.92
C CYS A 14 1.49 12.14 -7.48
N PRO A 15 2.72 12.20 -8.00
CA PRO A 15 3.35 11.02 -8.60
C PRO A 15 3.42 9.77 -7.73
N THR A 16 3.30 9.90 -6.41
CA THR A 16 3.35 8.68 -5.59
C THR A 16 2.18 7.79 -5.96
N ILE A 17 1.07 8.40 -6.37
CA ILE A 17 -0.13 7.65 -6.75
C ILE A 17 0.12 6.66 -7.88
N LYS A 18 1.12 6.92 -8.72
CA LYS A 18 1.37 6.00 -9.82
C LYS A 18 2.59 5.10 -9.64
N GLU A 19 3.29 5.23 -8.52
CA GLU A 19 4.47 4.40 -8.32
C GLU A 19 4.19 3.09 -7.58
N ILE A 20 4.97 2.06 -7.92
CA ILE A 20 4.84 0.75 -7.30
C ILE A 20 6.08 0.47 -6.49
N ARG A 21 5.89 -0.01 -5.26
CA ARG A 21 7.00 -0.33 -4.38
C ARG A 21 7.22 -1.83 -4.35
N ASP A 22 8.22 -2.27 -3.58
CA ASP A 22 8.51 -3.69 -3.44
C ASP A 22 8.80 -4.00 -1.97
N GLN A 23 7.88 -4.73 -1.34
CA GLN A 23 7.99 -5.08 0.07
C GLN A 23 9.15 -6.04 0.35
N GLY A 24 9.72 -6.60 -0.71
CA GLY A 24 10.82 -7.52 -0.53
C GLY A 24 10.37 -8.84 0.08
N SER A 25 11.31 -9.57 0.67
CA SER A 25 10.99 -10.87 1.27
C SER A 25 10.57 -10.64 2.72
N CYS A 26 9.43 -9.98 2.89
CA CYS A 26 8.92 -9.66 4.22
C CYS A 26 7.42 -9.48 4.12
N GLY A 27 6.68 -10.10 5.03
CA GLY A 27 5.23 -9.97 5.01
C GLY A 27 4.78 -8.62 5.51
N SER A 28 5.25 -7.56 4.87
CA SER A 28 4.93 -6.20 5.26
C SER A 28 3.88 -5.49 4.40
N CYS A 29 3.01 -6.25 3.73
CA CYS A 29 1.97 -5.65 2.89
C CYS A 29 1.10 -4.66 3.66
N TRP A 30 0.76 -5.00 4.91
CA TRP A 30 -0.09 -4.14 5.72
C TRP A 30 0.51 -2.75 5.83
N ALA A 31 1.84 -2.69 5.96
CA ALA A 31 2.56 -1.43 6.08
C ALA A 31 2.65 -0.70 4.75
N PHE A 32 2.87 -1.47 3.68
CA PHE A 32 2.98 -0.85 2.37
C PHE A 32 1.68 -0.27 1.84
N GLY A 33 0.57 -0.98 1.99
CA GLY A 33 -0.69 -0.45 1.52
C GLY A 33 -0.96 0.84 2.24
N ALA A 34 -0.55 0.88 3.52
CA ALA A 34 -0.74 2.05 4.35
C ALA A 34 0.11 3.26 3.98
N VAL A 35 1.43 3.09 3.95
CA VAL A 35 2.31 4.22 3.64
C VAL A 35 2.11 4.73 2.22
N GLU A 36 1.76 3.84 1.31
CA GLU A 36 1.53 4.24 -0.07
C GLU A 36 0.33 5.18 -0.16
N ALA A 37 -0.79 4.76 0.40
CA ALA A 37 -2.01 5.56 0.39
C ALA A 37 -1.79 6.83 1.20
N ILE A 38 -1.14 6.68 2.35
CA ILE A 38 -0.88 7.84 3.20
C ILE A 38 -0.04 8.85 2.41
N SER A 39 0.92 8.34 1.63
CA SER A 39 1.77 9.21 0.82
C SER A 39 0.88 9.96 -0.17
N ASP A 40 0.01 9.22 -0.87
CA ASP A 40 -0.88 9.84 -1.83
C ASP A 40 -1.71 10.95 -1.17
N ARG A 41 -2.31 10.63 -0.02
CA ARG A 41 -3.15 11.57 0.68
C ARG A 41 -2.46 12.82 1.22
N ILE A 42 -1.22 12.67 1.70
CA ILE A 42 -0.49 13.82 2.19
C ILE A 42 -0.38 14.78 1.02
N CYS A 43 -0.15 14.22 -0.18
CA CYS A 43 -0.04 15.03 -1.38
C CYS A 43 -1.39 15.62 -1.78
N ILE A 44 -2.44 14.80 -1.81
CA ILE A 44 -3.76 15.26 -2.17
C ILE A 44 -4.22 16.39 -1.25
N HIS A 45 -4.14 16.16 0.05
CA HIS A 45 -4.59 17.14 1.02
C HIS A 45 -3.52 17.97 1.74
N SER A 46 -2.76 18.75 0.99
CA SER A 46 -1.73 19.60 1.58
C SER A 46 -1.28 20.58 0.50
N ASN A 47 -1.80 20.37 -0.70
CA ASN A 47 -1.49 21.21 -1.85
C ASN A 47 -2.17 22.57 -1.73
N VAL A 50 2.39 19.05 -0.84
CA VAL A 50 3.78 18.69 -0.58
C VAL A 50 4.02 17.20 -0.82
N ASN A 51 5.10 16.89 -1.53
CA ASN A 51 5.44 15.51 -1.84
C ASN A 51 6.36 14.85 -0.83
N VAL A 52 5.95 13.68 -0.35
CA VAL A 52 6.74 12.94 0.62
C VAL A 52 6.59 11.43 0.47
N GLU A 53 7.73 10.74 0.43
CA GLU A 53 7.73 9.29 0.35
C GLU A 53 7.64 8.85 1.80
N VAL A 54 6.44 8.49 2.24
CA VAL A 54 6.28 8.05 3.63
C VAL A 54 7.05 6.76 3.79
N SER A 55 7.88 6.69 4.83
CA SER A 55 8.72 5.53 5.09
C SER A 55 8.00 4.25 5.50
N ALA A 56 8.13 3.22 4.67
CA ALA A 56 7.53 1.93 4.96
C ALA A 56 8.30 1.34 6.13
N GLU A 57 9.59 1.67 6.18
CA GLU A 57 10.49 1.19 7.23
C GLU A 57 10.04 1.67 8.62
N ASP A 58 9.69 2.94 8.74
CA ASP A 58 9.26 3.48 10.01
C ASP A 58 8.00 2.75 10.49
N MET A 59 7.06 2.55 9.57
CA MET A 59 5.81 1.87 9.88
C MET A 59 6.05 0.41 10.25
N LEU A 60 6.75 -0.29 9.37
CA LEU A 60 7.06 -1.70 9.55
C LEU A 60 7.79 -2.01 10.84
N THR A 61 8.81 -1.21 11.16
CA THR A 61 9.63 -1.46 12.33
C THR A 61 9.26 -0.82 13.66
N CYS A 62 8.65 0.36 13.65
CA CYS A 62 8.34 1.03 14.91
C CYS A 62 6.93 0.98 15.48
N CYS A 63 5.94 0.60 14.68
CA CYS A 63 4.59 0.55 15.22
C CYS A 63 4.44 -0.49 16.33
N GLY A 64 5.12 -1.62 16.20
CA GLY A 64 5.02 -2.65 17.23
C GLY A 64 3.71 -3.41 17.30
N GLY A 65 3.43 -3.97 18.48
CA GLY A 65 2.22 -4.75 18.67
C GLY A 65 0.91 -4.16 18.19
N GLU A 66 0.79 -2.84 18.24
CA GLU A 66 -0.45 -2.19 17.83
C GLU A 66 -0.80 -2.48 16.37
N CYS A 67 0.20 -2.78 15.55
CA CYS A 67 -0.02 -3.07 14.13
C CYS A 67 0.09 -4.54 13.78
N GLY A 68 0.52 -5.37 14.72
CA GLY A 68 0.63 -6.78 14.40
C GLY A 68 1.98 -7.38 14.72
N ASP A 69 2.59 -8.03 13.73
CA ASP A 69 3.88 -8.67 13.94
C ASP A 69 4.89 -8.44 12.82
N GLY A 70 5.14 -7.17 12.50
CA GLY A 70 6.11 -6.83 11.47
C GLY A 70 6.08 -7.62 10.17
N CYS A 71 7.18 -8.31 9.87
CA CYS A 71 7.27 -9.10 8.64
C CYS A 71 6.40 -10.35 8.71
N ASN A 72 5.78 -10.57 9.87
CA ASN A 72 4.90 -11.73 10.05
C ASN A 72 3.44 -11.36 9.82
N GLY A 73 3.21 -10.13 9.37
CA GLY A 73 1.85 -9.70 9.11
C GLY A 73 1.39 -8.64 10.09
N GLY A 74 0.45 -7.82 9.66
CA GLY A 74 -0.07 -6.76 10.51
C GLY A 74 -1.51 -6.42 10.20
N PHE A 75 -2.03 -5.40 10.86
CA PHE A 75 -3.41 -4.98 10.67
C PHE A 75 -3.50 -3.60 10.07
N PRO A 76 -3.99 -3.50 8.83
CA PRO A 76 -4.12 -2.20 8.15
C PRO A 76 -4.62 -1.05 9.03
N SER A 77 -5.77 -1.21 9.67
CA SER A 77 -6.30 -0.15 10.52
C SER A 77 -5.27 0.22 11.61
N GLY A 78 -4.52 -0.77 12.08
CA GLY A 78 -3.51 -0.50 13.10
C GLY A 78 -2.46 0.45 12.55
N ALA A 79 -2.06 0.25 11.31
CA ALA A 79 -1.06 1.08 10.66
C ALA A 79 -1.52 2.56 10.58
N TRP A 80 -2.76 2.80 10.18
CA TRP A 80 -3.25 4.16 10.09
C TRP A 80 -3.33 4.82 11.47
N ASN A 81 -3.53 4.01 12.51
CA ASN A 81 -3.58 4.53 13.87
C ASN A 81 -2.20 5.07 14.24
N PHE A 82 -1.17 4.28 13.93
CA PHE A 82 0.20 4.66 14.23
C PHE A 82 0.55 6.00 13.58
N TRP A 83 0.01 6.23 12.39
CA TRP A 83 0.24 7.47 11.66
C TRP A 83 -0.29 8.66 12.44
N THR A 84 -1.45 8.49 13.07
CA THR A 84 -2.06 9.58 13.84
C THR A 84 -1.47 9.71 15.24
N LYS A 85 -0.93 8.63 15.77
CA LYS A 85 -0.38 8.65 17.13
C LYS A 85 1.10 9.02 17.18
N LYS A 86 1.93 8.30 16.43
CA LYS A 86 3.36 8.53 16.39
C LYS A 86 3.84 9.22 15.11
N GLY A 87 2.99 9.28 14.10
CA GLY A 87 3.38 9.90 12.85
C GLY A 87 4.40 9.05 12.12
N LEU A 88 4.69 9.40 10.87
CA LEU A 88 5.65 8.64 10.06
C LEU A 88 6.67 9.58 9.44
N VAL A 89 7.93 9.14 9.36
CA VAL A 89 8.96 9.96 8.75
C VAL A 89 9.02 9.56 7.28
N SER A 90 9.83 10.29 6.51
CA SER A 90 9.97 10.02 5.10
C SER A 90 10.97 8.88 4.89
N GLY A 91 10.88 8.23 3.74
CA GLY A 91 11.78 7.14 3.44
C GLY A 91 11.41 6.57 2.10
N GLY A 92 12.39 6.49 1.20
CA GLY A 92 12.14 5.97 -0.13
C GLY A 92 12.50 4.51 -0.32
N LEU A 93 12.67 4.14 -1.58
CA LEU A 93 13.00 2.76 -1.96
C LEU A 93 14.32 2.28 -1.40
N TYR A 94 14.53 0.97 -1.48
CA TYR A 94 15.75 0.34 -0.99
C TYR A 94 16.98 0.89 -1.72
N ASN A 95 17.95 1.37 -0.95
CA ASN A 95 19.19 1.90 -1.47
C ASN A 95 19.10 3.20 -2.25
N SER A 96 17.98 3.92 -2.11
CA SER A 96 17.80 5.18 -2.81
C SER A 96 18.37 6.37 -2.02
N HIS A 97 18.61 6.15 -0.72
CA HIS A 97 19.13 7.20 0.15
C HIS A 97 18.19 8.40 0.15
N VAL A 98 16.92 8.14 -0.14
CA VAL A 98 15.91 9.19 -0.15
C VAL A 98 15.18 9.20 1.19
N GLY A 99 15.08 10.38 1.78
CA GLY A 99 14.37 10.52 3.04
C GLY A 99 15.08 10.02 4.29
N CYS A 100 14.42 10.22 5.42
CA CYS A 100 14.92 9.84 6.72
C CYS A 100 15.22 8.34 6.87
N ARG A 101 14.27 7.49 6.47
CA ARG A 101 14.47 6.05 6.59
C ARG A 101 14.03 5.25 5.37
N PRO A 102 14.94 5.05 4.41
CA PRO A 102 14.64 4.28 3.20
C PRO A 102 14.40 2.83 3.60
N TYR A 103 13.66 2.08 2.78
CA TYR A 103 13.37 0.68 3.08
C TYR A 103 14.70 -0.07 3.13
N SER A 104 14.85 -0.96 4.10
CA SER A 104 16.09 -1.71 4.24
C SER A 104 16.05 -3.15 3.71
N ILE A 105 14.94 -3.54 3.13
CA ILE A 105 14.84 -4.91 2.61
C ILE A 105 14.94 -4.90 1.09
N PRO A 106 15.93 -5.63 0.54
CA PRO A 106 16.19 -5.72 -0.90
C PRO A 106 14.98 -6.11 -1.75
N PRO A 107 14.85 -5.50 -2.94
CA PRO A 107 13.73 -5.83 -3.82
C PRO A 107 14.03 -7.23 -4.37
N CYS A 108 13.00 -7.98 -4.74
CA CYS A 108 13.20 -9.33 -5.25
C CYS A 108 12.12 -9.74 -6.25
N GLU A 109 12.34 -10.85 -6.94
CA GLU A 109 11.38 -11.35 -7.92
C GLU A 109 10.22 -12.06 -7.26
N HIS A 110 9.02 -11.50 -7.42
CA HIS A 110 7.81 -12.04 -6.84
C HIS A 110 7.05 -12.92 -7.84
N HIS A 111 7.28 -14.24 -7.78
CA HIS A 111 6.61 -15.18 -8.66
C HIS A 111 6.78 -14.86 -10.14
N VAL A 112 7.97 -14.39 -10.50
CA VAL A 112 8.31 -14.07 -11.89
C VAL A 112 9.84 -14.15 -12.02
N ASN A 113 10.31 -14.31 -13.25
CA ASN A 113 11.75 -14.36 -13.49
C ASN A 113 12.21 -12.93 -13.77
N GLY A 114 13.44 -12.62 -13.37
CA GLY A 114 13.96 -11.28 -13.59
C GLY A 114 15.43 -11.24 -13.21
N SER A 115 16.00 -10.04 -13.19
CA SER A 115 17.41 -9.88 -12.87
C SER A 115 17.69 -9.78 -11.37
N ARG A 116 16.62 -9.77 -10.58
CA ARG A 116 16.75 -9.68 -9.12
C ARG A 116 16.73 -11.07 -8.51
N PRO A 117 17.18 -11.20 -7.25
CA PRO A 117 17.17 -12.50 -6.59
C PRO A 117 15.71 -12.90 -6.34
N PRO A 118 15.41 -14.21 -6.33
CA PRO A 118 14.01 -14.57 -6.07
C PRO A 118 13.66 -14.30 -4.61
N CYS A 119 12.45 -13.80 -4.37
CA CYS A 119 11.99 -13.54 -3.02
C CYS A 119 11.98 -14.87 -2.26
N THR A 120 12.33 -14.84 -0.98
CA THR A 120 12.34 -16.05 -0.17
C THR A 120 11.24 -16.03 0.89
N GLY A 121 10.48 -14.94 0.93
CA GLY A 121 9.40 -14.83 1.90
C GLY A 121 9.83 -14.85 3.35
N GLU A 122 11.02 -15.37 3.62
CA GLU A 122 11.53 -15.43 4.99
C GLU A 122 12.47 -14.27 5.28
N GLY A 123 11.92 -13.19 5.82
CA GLY A 123 12.71 -12.02 6.15
C GLY A 123 12.37 -11.56 7.55
N ASP A 124 13.37 -11.16 8.31
CA ASP A 124 13.15 -10.70 9.68
C ASP A 124 12.76 -9.23 9.70
N THR A 125 11.96 -8.86 10.69
CA THR A 125 11.55 -7.48 10.82
C THR A 125 12.77 -6.68 11.25
N PRO A 126 13.08 -5.58 10.55
CA PRO A 126 14.24 -4.74 10.88
C PRO A 126 14.01 -4.02 12.21
N LYS A 127 15.08 -3.49 12.80
CA LYS A 127 14.99 -2.79 14.08
C LYS A 127 14.27 -1.44 13.95
N CYS A 128 13.63 -1.02 15.03
CA CYS A 128 12.98 0.28 15.06
C CYS A 128 14.07 1.25 15.52
N SER A 129 14.67 1.93 14.55
CA SER A 129 15.72 2.89 14.87
C SER A 129 15.17 4.29 14.66
N LYS A 130 15.13 5.07 15.73
CA LYS A 130 14.61 6.43 15.66
C LYS A 130 15.65 7.47 15.29
N THR A 131 16.37 7.20 14.19
CA THR A 131 17.39 8.10 13.65
C THR A 131 17.21 8.12 12.15
N CYS A 132 17.67 9.19 11.51
CA CYS A 132 17.57 9.28 10.05
C CYS A 132 18.89 8.86 9.42
N GLU A 133 18.85 8.57 8.13
CA GLU A 133 20.06 8.17 7.43
C GLU A 133 21.08 9.30 7.55
N PRO A 134 22.37 8.96 7.50
CA PRO A 134 23.39 10.01 7.61
C PRO A 134 23.24 11.02 6.48
N GLY A 135 23.40 12.30 6.81
CA GLY A 135 23.29 13.34 5.81
C GLY A 135 21.90 13.95 5.69
N TYR A 136 20.88 13.24 6.16
CA TYR A 136 19.52 13.75 6.07
C TYR A 136 19.15 14.74 7.17
N SER A 137 18.23 15.64 6.86
CA SER A 137 17.72 16.64 7.79
C SER A 137 16.25 16.88 7.45
N PRO A 138 15.41 17.19 8.43
CA PRO A 138 15.72 17.34 9.86
C PRO A 138 15.89 16.01 10.59
N SER A 139 15.83 16.08 11.92
CA SER A 139 15.97 14.90 12.77
C SER A 139 14.77 13.98 12.60
N TYR A 140 14.88 12.78 13.16
CA TYR A 140 13.83 11.78 13.12
C TYR A 140 12.51 12.36 13.64
N LYS A 141 12.54 12.90 14.84
CA LYS A 141 11.36 13.47 15.47
C LYS A 141 10.74 14.63 14.69
N GLU A 142 11.58 15.41 14.01
CA GLU A 142 11.09 16.55 13.25
C GLU A 142 10.65 16.19 11.83
N ASP A 143 10.91 14.96 11.41
CA ASP A 143 10.53 14.53 10.08
C ASP A 143 9.20 13.79 10.12
N LYS A 144 8.61 13.70 11.30
CA LYS A 144 7.34 13.01 11.50
C LYS A 144 6.15 13.69 10.86
N HIS A 145 5.35 12.93 10.14
CA HIS A 145 4.14 13.44 9.51
C HIS A 145 2.96 12.75 10.17
N PHE A 146 2.08 13.53 10.77
CA PHE A 146 0.94 12.96 11.47
C PHE A 146 -0.39 12.99 10.74
N GLY A 147 -1.16 11.93 10.95
CA GLY A 147 -2.49 11.85 10.37
C GLY A 147 -3.39 12.37 11.47
N CYS A 148 -4.47 13.06 11.10
CA CYS A 148 -5.37 13.58 12.11
C CYS A 148 -6.63 12.75 12.31
N SER A 149 -6.74 11.65 11.57
CA SER A 149 -7.88 10.75 11.71
C SER A 149 -7.57 9.40 11.04
N SER A 150 -8.08 8.33 11.63
CA SER A 150 -7.92 6.98 11.13
C SER A 150 -9.30 6.35 11.20
N TYR A 151 -9.78 5.82 10.09
CA TYR A 151 -11.11 5.24 10.07
C TYR A 151 -11.28 4.05 9.12
N SER A 152 -12.42 3.39 9.22
CA SER A 152 -12.71 2.23 8.38
C SER A 152 -13.94 2.48 7.53
N VAL A 153 -13.83 2.24 6.23
CA VAL A 153 -14.95 2.44 5.32
C VAL A 153 -15.76 1.15 5.29
N ALA A 154 -17.10 1.30 5.29
CA ALA A 154 -17.99 0.14 5.28
C ALA A 154 -17.84 -0.75 4.05
N ASN A 155 -18.23 -2.03 4.20
CA ASN A 155 -18.19 -3.01 3.12
C ASN A 155 -19.33 -2.63 2.18
N ASN A 156 -19.18 -1.50 1.51
CA ASN A 156 -20.20 -0.97 0.61
C ASN A 156 -19.52 -0.35 -0.60
N GLU A 157 -19.71 -1.00 -1.75
CA GLU A 157 -19.13 -0.56 -3.01
C GLU A 157 -19.22 0.94 -3.26
N LYS A 158 -20.43 1.48 -3.17
CA LYS A 158 -20.64 2.90 -3.39
C LYS A 158 -19.88 3.81 -2.43
N GLU A 159 -19.90 3.48 -1.15
CA GLU A 159 -19.20 4.29 -0.16
C GLU A 159 -17.68 4.24 -0.37
N ILE A 160 -17.18 3.08 -0.75
CA ILE A 160 -15.76 2.92 -1.00
C ILE A 160 -15.35 3.80 -2.19
N MET A 161 -16.20 3.83 -3.21
CA MET A 161 -15.96 4.64 -4.40
C MET A 161 -15.99 6.13 -4.03
N ALA A 162 -17.01 6.53 -3.25
CA ALA A 162 -17.14 7.91 -2.83
C ALA A 162 -15.92 8.35 -2.03
N GLU A 163 -15.41 7.46 -1.17
CA GLU A 163 -14.24 7.77 -0.36
C GLU A 163 -13.01 8.02 -1.22
N ILE A 164 -12.82 7.17 -2.22
CA ILE A 164 -11.67 7.29 -3.12
C ILE A 164 -11.86 8.55 -3.97
N TYR A 165 -13.06 8.69 -4.52
CA TYR A 165 -13.41 9.82 -5.36
C TYR A 165 -13.10 11.14 -4.68
N LYS A 166 -13.48 11.23 -3.41
CA LYS A 166 -13.29 12.47 -2.65
C LYS A 166 -11.94 12.65 -1.96
N ASN A 167 -11.52 11.65 -1.20
CA ASN A 167 -10.28 11.76 -0.44
C ASN A 167 -9.04 11.01 -0.94
N GLY A 168 -9.14 10.30 -2.05
CA GLY A 168 -7.96 9.62 -2.56
C GLY A 168 -7.86 8.13 -2.24
N PRO A 169 -6.81 7.46 -2.72
CA PRO A 169 -6.56 6.03 -2.51
C PRO A 169 -6.69 5.58 -1.06
N VAL A 170 -7.21 4.37 -0.89
CA VAL A 170 -7.39 3.79 0.43
C VAL A 170 -6.63 2.47 0.47
N GLU A 171 -6.54 1.88 1.66
CA GLU A 171 -5.87 0.60 1.82
C GLU A 171 -6.95 -0.47 1.96
N GLY A 172 -6.71 -1.61 1.35
CA GLY A 172 -7.65 -2.71 1.43
C GLY A 172 -6.93 -4.03 1.67
N ALA A 173 -7.69 -5.11 1.75
CA ALA A 173 -7.11 -6.44 1.97
C ALA A 173 -8.02 -7.50 1.38
N PHE A 174 -7.43 -8.57 0.88
CA PHE A 174 -8.22 -9.66 0.31
C PHE A 174 -7.49 -10.98 0.44
N SER A 175 -8.20 -12.07 0.22
CA SER A 175 -7.61 -13.41 0.30
C SER A 175 -6.86 -13.71 -0.98
N VAL A 176 -5.58 -14.01 -0.88
CA VAL A 176 -4.81 -14.35 -2.07
C VAL A 176 -4.76 -15.85 -2.20
N TYR A 177 -5.13 -16.35 -3.37
CA TYR A 177 -5.09 -17.79 -3.67
C TYR A 177 -3.99 -17.94 -4.71
N SER A 178 -3.40 -19.12 -4.82
CA SER A 178 -2.29 -19.32 -5.76
C SER A 178 -2.52 -18.83 -7.19
N ASP A 179 -3.75 -18.91 -7.70
CA ASP A 179 -3.95 -18.45 -9.08
C ASP A 179 -3.76 -16.94 -9.26
N PHE A 180 -3.73 -16.20 -8.16
CA PHE A 180 -3.54 -14.75 -8.26
C PHE A 180 -2.07 -14.43 -8.47
N LEU A 181 -1.21 -15.34 -8.03
CA LEU A 181 0.24 -15.14 -8.16
C LEU A 181 0.71 -14.95 -9.59
N LEU A 182 0.02 -15.61 -10.53
CA LEU A 182 0.39 -15.54 -11.94
C LEU A 182 -0.34 -14.47 -12.75
N TYR A 183 -1.15 -13.65 -12.08
CA TYR A 183 -1.90 -12.59 -12.75
C TYR A 183 -1.05 -11.77 -13.70
N LYS A 184 -1.56 -11.53 -14.90
CA LYS A 184 -0.87 -10.73 -15.90
C LYS A 184 -1.71 -9.54 -16.36
N SER A 185 -3.00 -9.78 -16.63
CA SER A 185 -3.89 -8.72 -17.08
C SER A 185 -5.35 -9.10 -16.92
N GLY A 186 -6.23 -8.21 -17.38
CA GLY A 186 -7.66 -8.46 -17.28
C GLY A 186 -8.18 -8.26 -15.88
N VAL A 187 -9.41 -8.67 -15.65
CA VAL A 187 -10.02 -8.54 -14.33
C VAL A 187 -9.93 -9.88 -13.60
N TYR A 188 -9.13 -9.90 -12.53
CA TYR A 188 -8.94 -11.11 -11.75
C TYR A 188 -10.17 -11.61 -11.02
N GLN A 189 -10.38 -12.92 -11.10
CA GLN A 189 -11.47 -13.62 -10.42
C GLN A 189 -10.92 -14.96 -9.97
N HIS A 190 -11.01 -15.22 -8.68
CA HIS A 190 -10.52 -16.47 -8.09
C HIS A 190 -11.28 -17.70 -8.56
N VAL A 191 -10.58 -18.61 -9.24
CA VAL A 191 -11.22 -19.82 -9.73
C VAL A 191 -10.55 -21.10 -9.22
N SER A 192 -9.28 -21.01 -8.87
CA SER A 192 -8.55 -22.18 -8.39
C SER A 192 -7.32 -21.80 -7.57
N GLY A 193 -6.76 -22.77 -6.86
CA GLY A 193 -5.57 -22.50 -6.07
C GLY A 193 -5.77 -22.48 -4.56
N GLU A 194 -4.72 -22.83 -3.83
CA GLU A 194 -4.77 -22.87 -2.37
C GLU A 194 -4.69 -21.46 -1.76
N ILE A 195 -5.32 -21.31 -0.61
CA ILE A 195 -5.33 -20.03 0.10
C ILE A 195 -3.89 -19.73 0.53
N MET A 196 -3.43 -18.51 0.26
CA MET A 196 -2.07 -18.10 0.61
C MET A 196 -2.13 -17.19 1.82
N GLY A 197 -3.31 -16.66 2.12
CA GLY A 197 -3.47 -15.78 3.26
C GLY A 197 -3.96 -14.40 2.85
N GLY A 198 -4.14 -13.53 3.84
CA GLY A 198 -4.61 -12.19 3.56
C GLY A 198 -3.52 -11.31 2.98
N HIS A 199 -3.90 -10.41 2.08
CA HIS A 199 -2.94 -9.51 1.47
C HIS A 199 -3.49 -8.10 1.47
N ALA A 200 -2.75 -7.19 2.11
CA ALA A 200 -3.12 -5.79 2.20
C ALA A 200 -2.57 -5.10 0.96
N ILE A 201 -3.35 -4.20 0.38
CA ILE A 201 -2.97 -3.50 -0.83
C ILE A 201 -3.54 -2.09 -0.89
N ARG A 202 -3.31 -1.43 -2.03
CA ARG A 202 -3.77 -0.08 -2.23
C ARG A 202 -4.74 0.05 -3.41
N ILE A 203 -5.97 0.49 -3.12
CA ILE A 203 -6.98 0.65 -4.17
C ILE A 203 -7.03 2.12 -4.57
N LEU A 204 -6.76 2.41 -5.84
CA LEU A 204 -6.72 3.79 -6.33
C LEU A 204 -7.74 4.17 -7.40
N GLY A 205 -8.70 3.30 -7.67
CA GLY A 205 -9.69 3.62 -8.68
C GLY A 205 -10.56 2.44 -9.03
N TRP A 206 -11.28 2.55 -10.14
CA TRP A 206 -12.17 1.49 -10.55
C TRP A 206 -12.59 1.72 -12.00
N GLY A 207 -13.19 0.69 -12.60
CA GLY A 207 -13.63 0.82 -13.97
C GLY A 207 -14.41 -0.40 -14.39
N VAL A 208 -14.65 -0.52 -15.69
CA VAL A 208 -15.39 -1.65 -16.24
C VAL A 208 -14.62 -2.16 -17.45
N GLU A 209 -14.28 -3.44 -17.45
CA GLU A 209 -13.57 -4.03 -18.56
C GLU A 209 -14.39 -5.16 -19.17
N ASN A 210 -14.87 -4.93 -20.40
CA ASN A 210 -15.69 -5.90 -21.10
C ASN A 210 -16.89 -6.28 -20.24
N GLY A 211 -17.59 -5.26 -19.74
CA GLY A 211 -18.76 -5.49 -18.92
C GLY A 211 -18.49 -5.92 -17.48
N THR A 212 -17.24 -6.22 -17.17
CA THR A 212 -16.88 -6.66 -15.82
C THR A 212 -16.32 -5.53 -14.95
N PRO A 213 -17.06 -5.13 -13.90
CA PRO A 213 -16.62 -4.04 -13.02
C PRO A 213 -15.39 -4.46 -12.19
N TYR A 214 -14.47 -3.54 -12.00
CA TYR A 214 -13.26 -3.85 -11.25
C TYR A 214 -12.74 -2.71 -10.40
N TRP A 215 -11.75 -3.05 -9.57
CA TRP A 215 -11.07 -2.09 -8.70
C TRP A 215 -9.66 -2.00 -9.29
N LEU A 216 -9.09 -0.80 -9.34
CA LEU A 216 -7.73 -0.61 -9.85
C LEU A 216 -6.83 -0.72 -8.62
N VAL A 217 -5.97 -1.74 -8.59
CA VAL A 217 -5.12 -1.95 -7.43
C VAL A 217 -3.62 -1.89 -7.68
N GLY A 218 -2.91 -1.39 -6.67
CA GLY A 218 -1.47 -1.30 -6.74
C GLY A 218 -0.89 -2.33 -5.80
N ASN A 219 -0.21 -3.34 -6.34
CA ASN A 219 0.39 -4.37 -5.51
C ASN A 219 1.75 -3.84 -5.10
N SER A 220 2.42 -4.51 -4.18
CA SER A 220 3.73 -4.07 -3.72
C SER A 220 4.77 -5.15 -3.99
N TRP A 221 4.71 -5.72 -5.21
CA TRP A 221 5.64 -6.76 -5.62
C TRP A 221 6.50 -6.32 -6.79
N ASN A 222 6.83 -5.03 -6.79
CA ASN A 222 7.65 -4.42 -7.84
C ASN A 222 6.90 -4.26 -9.15
N THR A 223 7.55 -3.71 -10.16
CA THR A 223 6.88 -3.47 -11.43
C THR A 223 6.88 -4.59 -12.45
N ASP A 224 7.70 -5.62 -12.27
CA ASP A 224 7.71 -6.72 -13.24
C ASP A 224 6.71 -7.81 -12.89
N TRP A 225 5.88 -7.55 -11.88
CA TRP A 225 4.85 -8.49 -11.49
C TRP A 225 3.54 -7.95 -12.02
N GLY A 226 2.67 -8.85 -12.47
CA GLY A 226 1.37 -8.43 -13.00
C GLY A 226 1.42 -7.41 -14.12
N ASP A 227 0.49 -6.46 -14.08
CA ASP A 227 0.39 -5.41 -15.09
C ASP A 227 1.18 -4.18 -14.61
N ASN A 228 2.50 -4.23 -14.73
CA ASN A 228 3.34 -3.12 -14.29
C ASN A 228 3.20 -2.88 -12.79
N GLY A 229 2.99 -3.96 -12.04
CA GLY A 229 2.83 -3.82 -10.59
C GLY A 229 1.40 -3.65 -10.14
N PHE A 230 0.50 -3.31 -11.06
CA PHE A 230 -0.90 -3.12 -10.75
C PHE A 230 -1.69 -4.34 -11.20
N PHE A 231 -2.95 -4.40 -10.78
CA PHE A 231 -3.84 -5.48 -11.21
C PHE A 231 -5.26 -4.99 -11.03
N LYS A 232 -6.19 -5.65 -11.70
CA LYS A 232 -7.60 -5.31 -11.58
C LYS A 232 -8.26 -6.51 -10.93
N ILE A 233 -9.26 -6.24 -10.09
CA ILE A 233 -9.94 -7.31 -9.37
C ILE A 233 -11.45 -7.05 -9.44
N LEU A 234 -12.21 -8.12 -9.54
CA LEU A 234 -13.67 -8.04 -9.61
C LEU A 234 -14.25 -7.16 -8.51
N ARG A 235 -15.10 -6.22 -8.89
CA ARG A 235 -15.72 -5.28 -7.94
C ARG A 235 -17.23 -5.46 -7.80
N GLY A 236 -17.75 -5.20 -6.61
CA GLY A 236 -19.18 -5.28 -6.38
C GLY A 236 -19.74 -6.51 -5.70
N GLN A 237 -18.92 -7.53 -5.50
CA GLN A 237 -19.41 -8.74 -4.85
C GLN A 237 -18.49 -9.21 -3.74
N ASP A 238 -17.76 -8.26 -3.14
CA ASP A 238 -16.81 -8.54 -2.07
C ASP A 238 -15.96 -9.76 -2.38
N HIS A 239 -15.54 -9.87 -3.64
CA HIS A 239 -14.72 -10.98 -4.11
C HIS A 239 -13.44 -11.12 -3.31
N CYS A 240 -13.24 -12.29 -2.71
CA CYS A 240 -12.06 -12.54 -1.89
C CYS A 240 -12.01 -11.54 -0.74
N GLY A 241 -13.16 -10.94 -0.43
CA GLY A 241 -13.25 -9.99 0.66
C GLY A 241 -12.56 -8.66 0.36
N ILE A 242 -12.40 -8.36 -0.93
CA ILE A 242 -11.72 -7.13 -1.34
C ILE A 242 -12.39 -5.86 -0.82
N GLU A 243 -13.69 -5.92 -0.54
CA GLU A 243 -14.41 -4.75 -0.05
C GLU A 243 -14.71 -4.84 1.44
N SER A 244 -14.21 -5.89 2.09
CA SER A 244 -14.51 -6.11 3.51
C SER A 244 -13.58 -5.47 4.54
N GLU A 245 -12.47 -4.89 4.12
CA GLU A 245 -11.55 -4.33 5.10
C GLU A 245 -10.89 -3.04 4.63
N ILE A 246 -11.69 -2.08 4.18
CA ILE A 246 -11.18 -0.79 3.69
C ILE A 246 -10.89 0.18 4.82
N VAL A 247 -9.65 0.68 4.88
CA VAL A 247 -9.25 1.63 5.92
C VAL A 247 -8.57 2.83 5.28
N ALA A 248 -8.69 3.98 5.93
CA ALA A 248 -8.09 5.21 5.43
C ALA A 248 -7.96 6.22 6.57
N GLY A 249 -7.64 7.45 6.21
CA GLY A 249 -7.46 8.49 7.21
C GLY A 249 -7.14 9.81 6.54
N MET A 250 -7.13 10.89 7.32
CA MET A 250 -6.84 12.21 6.79
C MET A 250 -5.60 12.83 7.44
N PRO A 251 -4.76 13.50 6.64
CA PRO A 251 -3.57 14.13 7.21
C PRO A 251 -3.94 15.38 7.96
N CYS A 252 -3.11 15.77 8.93
CA CYS A 252 -3.37 16.96 9.73
C CYS A 252 -3.27 18.26 8.91
N THR A 253 -4.14 19.21 9.25
CA THR A 253 -4.22 20.52 8.57
C THR A 253 -4.21 20.35 7.06
#